data_6A5J
#
_entry.id   6A5J
#
_entity_poly.entity_id   1
_entity_poly.type   'polypeptide(L)'
_entity_poly.pdbx_seq_one_letter_code
;IKKILSKIKKLLK
;
_entity_poly.pdbx_strand_id   A
#
# COMPACT_ATOMS: atom_id res chain seq x y z
N ILE A 1 0.24 8.63 5.89
CA ILE A 1 0.34 7.22 6.35
C ILE A 1 -0.60 6.32 5.55
N LYS A 2 -0.02 5.42 4.76
CA LYS A 2 -0.82 4.50 3.96
C LYS A 2 -1.47 3.43 4.83
N LYS A 3 -2.76 3.20 4.61
CA LYS A 3 -3.50 2.20 5.34
C LYS A 3 -3.60 0.95 4.49
N ILE A 4 -4.39 1.04 3.43
CA ILE A 4 -4.53 -0.06 2.49
C ILE A 4 -3.49 0.09 1.39
N LEU A 5 -3.19 1.35 1.07
CA LEU A 5 -2.20 1.67 0.05
C LEU A 5 -0.81 1.26 0.53
N SER A 6 -0.71 0.90 1.80
CA SER A 6 0.55 0.48 2.40
C SER A 6 0.87 -0.94 1.98
N LYS A 7 0.02 -1.88 2.39
CA LYS A 7 0.20 -3.27 2.04
C LYS A 7 0.20 -3.38 0.51
N ILE A 8 -0.44 -2.40 -0.10
CA ILE A 8 -0.53 -2.31 -1.56
C ILE A 8 0.75 -1.72 -2.15
N LYS A 9 1.32 -0.75 -1.43
CA LYS A 9 2.55 -0.09 -1.87
C LYS A 9 3.60 -1.11 -2.31
N LYS A 10 3.59 -2.27 -1.66
CA LYS A 10 4.55 -3.33 -1.97
C LYS A 10 4.02 -4.26 -3.04
N LEU A 11 2.69 -4.32 -3.17
CA LEU A 11 2.05 -5.19 -4.15
C LEU A 11 1.97 -4.52 -5.52
N LEU A 12 1.16 -3.47 -5.64
CA LEU A 12 1.00 -2.76 -6.90
C LEU A 12 1.12 -1.25 -6.73
N LYS A 13 0.15 -0.65 -6.05
CA LYS A 13 0.14 0.80 -5.82
C LYS A 13 0.10 1.56 -7.15
N ILE A 1 0.56 7.05 7.17
CA ILE A 1 0.32 7.61 5.81
C ILE A 1 -0.59 6.69 4.99
N LYS A 2 -0.09 5.49 4.69
CA LYS A 2 -0.86 4.52 3.91
C LYS A 2 -1.54 3.50 4.80
N LYS A 3 -2.81 3.24 4.54
CA LYS A 3 -3.58 2.26 5.29
C LYS A 3 -3.66 0.99 4.46
N ILE A 4 -4.42 1.05 3.38
CA ILE A 4 -4.54 -0.07 2.46
C ILE A 4 -3.49 0.06 1.38
N LEU A 5 -3.18 1.31 1.05
CA LEU A 5 -2.17 1.63 0.05
C LEU A 5 -0.79 1.22 0.56
N SER A 6 -0.71 0.89 1.84
CA SER A 6 0.53 0.47 2.47
C SER A 6 0.90 -0.94 2.04
N LYS A 7 0.09 -1.90 2.44
CA LYS A 7 0.33 -3.29 2.05
C LYS A 7 0.29 -3.38 0.54
N ILE A 8 -0.39 -2.42 -0.07
CA ILE A 8 -0.51 -2.33 -1.52
C ILE A 8 0.75 -1.71 -2.11
N LYS A 9 1.33 -0.77 -1.38
CA LYS A 9 2.55 -0.09 -1.81
C LYS A 9 3.58 -1.08 -2.32
N LYS A 10 3.62 -2.26 -1.70
CA LYS A 10 4.55 -3.31 -2.08
C LYS A 10 3.96 -4.23 -3.13
N LEU A 11 2.63 -4.31 -3.16
CA LEU A 11 1.94 -5.17 -4.12
C LEU A 11 1.88 -4.52 -5.51
N LEU A 12 1.14 -3.42 -5.62
CA LEU A 12 1.01 -2.72 -6.89
C LEU A 12 1.14 -1.20 -6.73
N LYS A 13 0.20 -0.59 -6.01
CA LYS A 13 0.21 0.85 -5.78
C LYS A 13 0.10 1.60 -7.11
N ILE A 1 0.49 8.90 5.38
CA ILE A 1 0.47 7.52 5.92
C ILE A 1 -0.49 6.64 5.13
N LYS A 2 0.00 5.46 4.72
CA LYS A 2 -0.82 4.53 3.95
C LYS A 2 -1.47 3.48 4.85
N LYS A 3 -2.73 3.20 4.58
CA LYS A 3 -3.47 2.19 5.33
C LYS A 3 -3.55 0.93 4.50
N ILE A 4 -4.37 1.00 3.44
CA ILE A 4 -4.51 -0.11 2.52
C ILE A 4 -3.49 0.06 1.41
N LEU A 5 -3.20 1.32 1.09
CA LEU A 5 -2.22 1.65 0.07
C LEU A 5 -0.83 1.26 0.52
N SER A 6 -0.71 0.90 1.80
CA SER A 6 0.56 0.49 2.38
C SER A 6 0.88 -0.94 1.95
N LYS A 7 0.04 -1.87 2.37
CA LYS A 7 0.21 -3.27 1.99
C LYS A 7 0.20 -3.36 0.47
N ILE A 8 -0.44 -2.37 -0.14
CA ILE A 8 -0.54 -2.29 -1.59
C ILE A 8 0.73 -1.69 -2.17
N LYS A 9 1.32 -0.74 -1.46
CA LYS A 9 2.55 -0.10 -1.89
C LYS A 9 3.61 -1.12 -2.29
N LYS A 10 3.57 -2.27 -1.62
CA LYS A 10 4.53 -3.35 -1.91
C LYS A 10 3.99 -4.28 -2.98
N LEU A 11 2.67 -4.31 -3.13
CA LEU A 11 2.04 -5.18 -4.12
C LEU A 11 1.98 -4.51 -5.49
N LEU A 12 1.18 -3.45 -5.61
CA LEU A 12 1.06 -2.74 -6.88
C LEU A 12 1.14 -1.22 -6.70
N LYS A 13 0.10 -0.63 -6.10
CA LYS A 13 0.04 0.82 -5.90
C LYS A 13 0.15 1.55 -7.23
N ILE A 1 1.13 8.50 5.18
CA ILE A 1 0.53 7.44 6.03
C ILE A 1 -0.44 6.58 5.23
N LYS A 2 0.03 5.43 4.77
CA LYS A 2 -0.81 4.51 3.99
C LYS A 2 -1.43 3.45 4.88
N LYS A 3 -2.71 3.16 4.63
CA LYS A 3 -3.43 2.13 5.37
C LYS A 3 -3.56 0.91 4.50
N ILE A 4 -4.36 1.03 3.45
CA ILE A 4 -4.55 -0.05 2.50
C ILE A 4 -3.52 0.10 1.38
N LEU A 5 -3.22 1.35 1.06
CA LEU A 5 -2.24 1.66 0.03
C LEU A 5 -0.84 1.26 0.49
N SER A 6 -0.74 0.92 1.77
CA SER A 6 0.53 0.50 2.36
C SER A 6 0.85 -0.93 1.94
N LYS A 7 0.03 -1.87 2.39
CA LYS A 7 0.20 -3.27 2.02
C LYS A 7 0.20 -3.37 0.50
N ILE A 8 -0.44 -2.38 -0.12
CA ILE A 8 -0.54 -2.30 -1.57
C ILE A 8 0.74 -1.71 -2.16
N LYS A 9 1.32 -0.75 -1.44
CA LYS A 9 2.55 -0.09 -1.87
C LYS A 9 3.60 -1.12 -2.29
N LYS A 10 3.59 -2.27 -1.63
CA LYS A 10 4.55 -3.33 -1.93
C LYS A 10 4.01 -4.28 -2.99
N LEU A 11 2.69 -4.32 -3.14
CA LEU A 11 2.06 -5.18 -4.12
C LEU A 11 2.00 -4.52 -5.50
N LEU A 12 1.18 -3.47 -5.62
CA LEU A 12 1.03 -2.77 -6.89
C LEU A 12 1.15 -1.26 -6.72
N LYS A 13 0.16 -0.65 -6.08
CA LYS A 13 0.15 0.79 -5.85
C LYS A 13 0.16 1.55 -7.18
N ILE A 1 1.28 6.71 6.77
CA ILE A 1 0.21 7.46 6.07
C ILE A 1 -0.69 6.52 5.29
N LYS A 2 -0.10 5.49 4.69
CA LYS A 2 -0.86 4.52 3.91
C LYS A 2 -1.48 3.46 4.83
N LYS A 3 -2.77 3.18 4.60
CA LYS A 3 -3.47 2.17 5.36
C LYS A 3 -3.56 0.91 4.51
N ILE A 4 -4.37 0.98 3.47
CA ILE A 4 -4.51 -0.12 2.54
C ILE A 4 -3.50 0.05 1.41
N LEU A 5 -3.20 1.32 1.11
CA LEU A 5 -2.23 1.67 0.09
C LEU A 5 -0.83 1.27 0.53
N SER A 6 -0.71 0.91 1.81
CA SER A 6 0.56 0.50 2.37
C SER A 6 0.89 -0.92 1.94
N LYS A 7 0.06 -1.87 2.36
CA LYS A 7 0.25 -3.25 1.98
C LYS A 7 0.23 -3.33 0.46
N ILE A 8 -0.44 -2.36 -0.15
CA ILE A 8 -0.54 -2.27 -1.60
C ILE A 8 0.75 -1.67 -2.18
N LYS A 9 1.33 -0.72 -1.46
CA LYS A 9 2.58 -0.08 -1.88
C LYS A 9 3.61 -1.11 -2.29
N LYS A 10 3.58 -2.27 -1.64
CA LYS A 10 4.52 -3.34 -1.93
C LYS A 10 3.98 -4.28 -3.00
N LEU A 11 2.65 -4.34 -3.11
CA LEU A 11 2.01 -5.21 -4.08
C LEU A 11 1.99 -4.57 -5.48
N LEU A 12 1.20 -3.50 -5.63
CA LEU A 12 1.10 -2.81 -6.91
C LEU A 12 1.24 -1.30 -6.76
N LYS A 13 0.25 -0.66 -6.13
CA LYS A 13 0.27 0.78 -5.93
C LYS A 13 0.30 1.51 -7.27
N ILE A 1 1.60 6.47 6.96
CA ILE A 1 0.63 7.31 6.20
C ILE A 1 -0.35 6.45 5.43
N LYS A 2 0.14 5.38 4.84
CA LYS A 2 -0.69 4.48 4.06
C LYS A 2 -1.35 3.41 4.95
N LYS A 3 -2.62 3.12 4.67
CA LYS A 3 -3.35 2.11 5.41
C LYS A 3 -3.50 0.87 4.54
N ILE A 4 -4.34 0.98 3.53
CA ILE A 4 -4.54 -0.09 2.58
C ILE A 4 -3.56 0.08 1.42
N LEU A 5 -3.26 1.33 1.12
CA LEU A 5 -2.32 1.66 0.08
C LEU A 5 -0.91 1.25 0.49
N SER A 6 -0.79 0.90 1.77
CA SER A 6 0.48 0.46 2.33
C SER A 6 0.81 -0.94 1.86
N LYS A 7 -0.02 -1.90 2.23
CA LYS A 7 0.17 -3.28 1.80
C LYS A 7 0.17 -3.30 0.28
N ILE A 8 -0.52 -2.33 -0.30
CA ILE A 8 -0.61 -2.17 -1.74
C ILE A 8 0.68 -1.60 -2.30
N LYS A 9 1.28 -0.69 -1.55
CA LYS A 9 2.53 -0.05 -1.96
C LYS A 9 3.59 -1.09 -2.32
N LYS A 10 3.60 -2.19 -1.60
CA LYS A 10 4.57 -3.26 -1.83
C LYS A 10 4.03 -4.29 -2.82
N LEU A 11 2.71 -4.29 -3.00
CA LEU A 11 2.07 -5.23 -3.92
C LEU A 11 2.03 -4.66 -5.34
N LEU A 12 1.24 -3.62 -5.54
CA LEU A 12 1.12 -3.00 -6.86
C LEU A 12 1.40 -1.49 -6.80
N LYS A 13 0.36 -0.71 -6.47
CA LYS A 13 0.48 0.74 -6.40
C LYS A 13 1.13 1.31 -7.67
N ILE A 1 0.20 8.52 6.19
CA ILE A 1 0.44 7.08 6.47
C ILE A 1 -0.54 6.20 5.71
N LYS A 2 -0.02 5.40 4.79
CA LYS A 2 -0.84 4.51 4.00
C LYS A 2 -1.52 3.45 4.87
N LYS A 3 -2.80 3.21 4.62
CA LYS A 3 -3.56 2.21 5.36
C LYS A 3 -3.61 0.96 4.51
N ILE A 4 -4.41 1.02 3.45
CA ILE A 4 -4.51 -0.09 2.52
C ILE A 4 -3.50 0.10 1.40
N LEU A 5 -3.18 1.37 1.12
CA LEU A 5 -2.22 1.72 0.10
C LEU A 5 -0.82 1.29 0.53
N SER A 6 -0.69 0.92 1.80
CA SER A 6 0.59 0.48 2.35
C SER A 6 0.89 -0.94 1.91
N LYS A 7 0.06 -1.89 2.35
CA LYS A 7 0.22 -3.27 1.95
C LYS A 7 0.20 -3.35 0.43
N ILE A 8 -0.44 -2.36 -0.16
CA ILE A 8 -0.55 -2.26 -1.61
C ILE A 8 0.74 -1.68 -2.20
N LYS A 9 1.33 -0.73 -1.48
CA LYS A 9 2.56 -0.09 -1.93
C LYS A 9 3.62 -1.12 -2.32
N LYS A 10 3.58 -2.27 -1.65
CA LYS A 10 4.54 -3.34 -1.91
C LYS A 10 4.02 -4.30 -2.98
N LEU A 11 2.69 -4.34 -3.14
CA LEU A 11 2.07 -5.21 -4.12
C LEU A 11 1.99 -4.56 -5.50
N LEU A 12 1.15 -3.52 -5.61
CA LEU A 12 1.00 -2.82 -6.89
C LEU A 12 1.15 -1.31 -6.74
N LYS A 13 0.16 -0.67 -6.11
CA LYS A 13 0.19 0.78 -5.92
C LYS A 13 0.24 1.51 -7.25
N ILE A 1 0.62 8.63 5.55
CA ILE A 1 0.36 7.35 6.26
C ILE A 1 -0.58 6.47 5.45
N LYS A 2 -0.03 5.43 4.82
CA LYS A 2 -0.82 4.51 4.01
C LYS A 2 -1.51 3.47 4.89
N LYS A 3 -2.78 3.21 4.58
CA LYS A 3 -3.55 2.21 5.31
C LYS A 3 -3.64 0.96 4.45
N ILE A 4 -4.42 1.05 3.38
CA ILE A 4 -4.55 -0.04 2.43
C ILE A 4 -3.51 0.11 1.34
N LEU A 5 -3.19 1.37 1.04
CA LEU A 5 -2.19 1.68 0.03
C LEU A 5 -0.81 1.27 0.52
N SER A 6 -0.72 0.92 1.80
CA SER A 6 0.54 0.50 2.41
C SER A 6 0.89 -0.91 1.96
N LYS A 7 0.10 -1.89 2.41
CA LYS A 7 0.33 -3.27 2.01
C LYS A 7 0.28 -3.36 0.50
N ILE A 8 -0.41 -2.40 -0.10
CA ILE A 8 -0.54 -2.32 -1.54
C ILE A 8 0.72 -1.71 -2.16
N LYS A 9 1.32 -0.75 -1.45
CA LYS A 9 2.53 -0.10 -1.91
C LYS A 9 3.59 -1.12 -2.31
N LYS A 10 3.56 -2.29 -1.67
CA LYS A 10 4.52 -3.35 -1.96
C LYS A 10 3.99 -4.27 -3.04
N LEU A 11 2.67 -4.32 -3.19
CA LEU A 11 2.03 -5.18 -4.18
C LEU A 11 1.91 -4.48 -5.54
N LEU A 12 1.05 -3.47 -5.62
CA LEU A 12 0.83 -2.75 -6.87
C LEU A 12 1.46 -1.36 -6.83
N LYS A 13 0.82 -0.44 -6.10
CA LYS A 13 1.30 0.93 -5.98
C LYS A 13 2.81 1.00 -5.85
N ILE A 1 1.90 8.04 4.82
CA ILE A 1 0.70 7.60 5.58
C ILE A 1 -0.18 6.70 4.71
N LYS A 2 0.11 5.40 4.72
CA LYS A 2 -0.66 4.44 3.94
C LYS A 2 -1.34 3.41 4.84
N LYS A 3 -2.61 3.15 4.58
CA LYS A 3 -3.38 2.18 5.33
C LYS A 3 -3.54 0.92 4.48
N ILE A 4 -4.37 1.03 3.46
CA ILE A 4 -4.57 -0.08 2.52
C ILE A 4 -3.59 0.08 1.39
N LEU A 5 -3.23 1.33 1.12
CA LEU A 5 -2.27 1.67 0.09
C LEU A 5 -0.87 1.24 0.53
N SER A 6 -0.77 0.87 1.80
CA SER A 6 0.50 0.43 2.39
C SER A 6 0.81 -0.98 1.94
N LYS A 7 -0.01 -1.94 2.36
CA LYS A 7 0.17 -3.33 1.96
C LYS A 7 0.16 -3.39 0.45
N ILE A 8 -0.48 -2.39 -0.16
CA ILE A 8 -0.57 -2.29 -1.60
C ILE A 8 0.70 -1.66 -2.18
N LYS A 9 1.26 -0.69 -1.43
CA LYS A 9 2.48 -0.01 -1.86
C LYS A 9 3.54 -1.00 -2.30
N LYS A 10 3.57 -2.15 -1.63
CA LYS A 10 4.55 -3.20 -1.94
C LYS A 10 4.01 -4.17 -2.98
N LEU A 11 2.68 -4.29 -3.05
CA LEU A 11 2.05 -5.19 -4.00
C LEU A 11 2.03 -4.59 -5.40
N LEU A 12 1.29 -3.51 -5.58
CA LEU A 12 1.19 -2.85 -6.88
C LEU A 12 1.20 -1.32 -6.76
N LYS A 13 0.17 -0.77 -6.15
CA LYS A 13 0.05 0.67 -5.99
C LYS A 13 0.09 1.38 -7.34
N ILE A 1 1.29 6.78 6.70
CA ILE A 1 0.31 7.56 5.92
C ILE A 1 -0.61 6.64 5.11
N LYS A 2 -0.07 5.50 4.68
CA LYS A 2 -0.83 4.54 3.91
C LYS A 2 -1.51 3.50 4.81
N LYS A 3 -2.78 3.24 4.54
CA LYS A 3 -3.53 2.24 5.30
C LYS A 3 -3.63 0.98 4.46
N ILE A 4 -4.40 1.05 3.40
CA ILE A 4 -4.55 -0.06 2.48
C ILE A 4 -3.50 0.07 1.38
N LEU A 5 -3.19 1.31 1.04
CA LEU A 5 -2.19 1.61 0.04
C LEU A 5 -0.80 1.22 0.54
N SER A 6 -0.73 0.89 1.83
CA SER A 6 0.52 0.49 2.45
C SER A 6 0.87 -0.93 2.04
N LYS A 7 0.04 -1.89 2.44
CA LYS A 7 0.26 -3.28 2.07
C LYS A 7 0.25 -3.38 0.55
N ILE A 8 -0.42 -2.41 -0.07
CA ILE A 8 -0.52 -2.33 -1.52
C ILE A 8 0.74 -1.72 -2.11
N LYS A 9 1.33 -0.78 -1.37
CA LYS A 9 2.54 -0.10 -1.80
C LYS A 9 3.58 -1.09 -2.30
N LYS A 10 3.60 -2.27 -1.68
CA LYS A 10 4.56 -3.31 -2.05
C LYS A 10 3.99 -4.23 -3.13
N LEU A 11 2.67 -4.32 -3.19
CA LEU A 11 2.01 -5.17 -4.18
C LEU A 11 1.93 -4.49 -5.55
N LEU A 12 1.14 -3.42 -5.64
CA LEU A 12 0.99 -2.70 -6.90
C LEU A 12 1.11 -1.18 -6.70
N LYS A 13 0.15 -0.60 -5.98
CA LYS A 13 0.15 0.84 -5.74
C LYS A 13 0.04 1.62 -7.05
N ILE A 1 0.67 8.49 5.60
CA ILE A 1 0.48 7.24 6.38
C ILE A 1 -0.47 6.29 5.66
N LYS A 2 0.10 5.45 4.80
CA LYS A 2 -0.69 4.50 4.02
C LYS A 2 -1.36 3.46 4.93
N LYS A 3 -2.61 3.15 4.63
CA LYS A 3 -3.36 2.15 5.38
C LYS A 3 -3.51 0.90 4.52
N ILE A 4 -4.35 1.00 3.49
CA ILE A 4 -4.56 -0.09 2.55
C ILE A 4 -3.57 0.07 1.41
N LEU A 5 -3.25 1.31 1.10
CA LEU A 5 -2.30 1.63 0.05
C LEU A 5 -0.90 1.23 0.51
N SER A 6 -0.80 0.89 1.80
CA SER A 6 0.48 0.48 2.38
C SER A 6 0.84 -0.91 1.90
N LYS A 7 0.04 -1.90 2.28
CA LYS A 7 0.27 -3.27 1.84
C LYS A 7 0.23 -3.31 0.33
N ILE A 8 -0.47 -2.33 -0.24
CA ILE A 8 -0.58 -2.21 -1.69
C ILE A 8 0.70 -1.61 -2.27
N LYS A 9 1.29 -0.69 -1.53
CA LYS A 9 2.52 -0.03 -1.95
C LYS A 9 3.59 -1.05 -2.32
N LYS A 10 3.58 -2.19 -1.62
CA LYS A 10 4.54 -3.26 -1.86
C LYS A 10 4.00 -4.25 -2.89
N LEU A 11 2.68 -4.31 -3.02
CA LEU A 11 2.04 -5.22 -3.95
C LEU A 11 2.04 -4.65 -5.37
N LEU A 12 1.25 -3.59 -5.59
CA LEU A 12 1.17 -2.97 -6.92
C LEU A 12 1.37 -1.47 -6.84
N LYS A 13 0.33 -0.74 -6.43
CA LYS A 13 0.38 0.72 -6.34
C LYS A 13 0.87 1.34 -7.65
N ILE A 1 1.33 6.53 7.06
CA ILE A 1 0.53 7.37 6.13
C ILE A 1 -0.45 6.53 5.32
N LYS A 2 0.04 5.41 4.79
CA LYS A 2 -0.79 4.51 3.99
C LYS A 2 -1.48 3.47 4.87
N LYS A 3 -2.75 3.22 4.58
CA LYS A 3 -3.53 2.23 5.30
C LYS A 3 -3.64 0.98 4.44
N ILE A 4 -4.41 1.09 3.37
CA ILE A 4 -4.58 0.00 2.43
C ILE A 4 -3.52 0.12 1.35
N LEU A 5 -3.18 1.37 1.03
CA LEU A 5 -2.16 1.66 0.02
C LEU A 5 -0.79 1.23 0.55
N SER A 6 -0.73 0.90 1.83
CA SER A 6 0.51 0.47 2.46
C SER A 6 0.87 -0.94 2.02
N LYS A 7 0.08 -1.92 2.44
CA LYS A 7 0.32 -3.29 2.04
C LYS A 7 0.29 -3.38 0.52
N ILE A 8 -0.42 -2.42 -0.08
CA ILE A 8 -0.53 -2.33 -1.53
C ILE A 8 0.74 -1.70 -2.12
N LYS A 9 1.32 -0.77 -1.39
CA LYS A 9 2.54 -0.08 -1.82
C LYS A 9 3.57 -1.07 -2.31
N LYS A 10 3.60 -2.24 -1.70
CA LYS A 10 4.56 -3.28 -2.06
C LYS A 10 4.00 -4.20 -3.14
N LEU A 11 2.68 -4.33 -3.17
CA LEU A 11 2.02 -5.20 -4.15
C LEU A 11 1.92 -4.53 -5.53
N LEU A 12 1.11 -3.48 -5.61
CA LEU A 12 0.92 -2.77 -6.87
C LEU A 12 1.08 -1.25 -6.70
N LYS A 13 0.12 -0.64 -6.02
CA LYS A 13 0.14 0.81 -5.80
C LYS A 13 0.10 1.56 -7.12
N ILE A 1 -0.28 8.69 6.05
CA ILE A 1 0.13 7.31 6.36
C ILE A 1 -0.73 6.30 5.60
N LYS A 2 -0.10 5.49 4.77
CA LYS A 2 -0.81 4.48 3.98
C LYS A 2 -1.45 3.43 4.87
N LYS A 3 -2.74 3.17 4.64
CA LYS A 3 -3.47 2.15 5.39
C LYS A 3 -3.55 0.90 4.54
N ILE A 4 -4.36 0.98 3.48
CA ILE A 4 -4.50 -0.12 2.54
C ILE A 4 -3.48 0.07 1.42
N LEU A 5 -3.20 1.33 1.11
CA LEU A 5 -2.24 1.68 0.08
C LEU A 5 -0.84 1.27 0.54
N SER A 6 -0.73 0.91 1.81
CA SER A 6 0.54 0.49 2.40
C SER A 6 0.87 -0.91 1.92
N LYS A 7 0.03 -1.87 2.27
CA LYS A 7 0.22 -3.25 1.85
C LYS A 7 0.20 -3.29 0.33
N ILE A 8 -0.47 -2.30 -0.25
CA ILE A 8 -0.57 -2.17 -1.70
C ILE A 8 0.72 -1.61 -2.28
N LYS A 9 1.32 -0.68 -1.54
CA LYS A 9 2.57 -0.04 -1.96
C LYS A 9 3.63 -1.09 -2.33
N LYS A 10 3.59 -2.23 -1.63
CA LYS A 10 4.53 -3.31 -1.88
C LYS A 10 3.99 -4.28 -2.92
N LEU A 11 2.67 -4.34 -3.05
CA LEU A 11 2.03 -5.24 -4.01
C LEU A 11 1.99 -4.63 -5.40
N LEU A 12 1.17 -3.60 -5.57
CA LEU A 12 1.04 -2.94 -6.88
C LEU A 12 1.26 -1.43 -6.79
N LYS A 13 0.25 -0.71 -6.30
CA LYS A 13 0.34 0.75 -6.19
C LYS A 13 0.67 1.38 -7.53
N ILE A 1 0.57 8.70 5.62
CA ILE A 1 0.51 7.32 6.17
C ILE A 1 -0.49 6.47 5.40
N LYS A 2 0.02 5.41 4.77
CA LYS A 2 -0.82 4.50 3.99
C LYS A 2 -1.47 3.46 4.87
N LYS A 3 -2.75 3.19 4.61
CA LYS A 3 -3.49 2.18 5.35
C LYS A 3 -3.60 0.93 4.49
N ILE A 4 -4.38 1.05 3.42
CA ILE A 4 -4.54 -0.05 2.48
C ILE A 4 -3.50 0.10 1.37
N LEU A 5 -3.19 1.35 1.05
CA LEU A 5 -2.20 1.66 0.03
C LEU A 5 -0.81 1.24 0.51
N SER A 6 -0.72 0.91 1.79
CA SER A 6 0.55 0.49 2.39
C SER A 6 0.87 -0.94 1.96
N LYS A 7 0.04 -1.89 2.39
CA LYS A 7 0.23 -3.28 2.02
C LYS A 7 0.23 -3.37 0.50
N ILE A 8 -0.43 -2.40 -0.11
CA ILE A 8 -0.52 -2.31 -1.57
C ILE A 8 0.75 -1.71 -2.15
N LYS A 9 1.34 -0.75 -1.42
CA LYS A 9 2.55 -0.09 -1.86
C LYS A 9 3.61 -1.10 -2.30
N LYS A 10 3.60 -2.26 -1.66
CA LYS A 10 4.55 -3.33 -1.97
C LYS A 10 4.01 -4.26 -3.05
N LEU A 11 2.69 -4.33 -3.16
CA LEU A 11 2.05 -5.19 -4.15
C LEU A 11 1.96 -4.51 -5.52
N LEU A 12 1.15 -3.47 -5.63
CA LEU A 12 0.99 -2.76 -6.89
C LEU A 12 1.11 -1.25 -6.72
N LYS A 13 0.14 -0.64 -6.04
CA LYS A 13 0.13 0.80 -5.82
C LYS A 13 0.07 1.55 -7.14
N ILE A 1 0.33 8.99 5.36
CA ILE A 1 0.38 7.58 5.85
C ILE A 1 -0.54 6.69 5.03
N LYS A 2 -0.06 5.49 4.71
CA LYS A 2 -0.84 4.54 3.93
C LYS A 2 -1.51 3.50 4.82
N LYS A 3 -2.78 3.23 4.54
CA LYS A 3 -3.53 2.23 5.29
C LYS A 3 -3.62 0.97 4.46
N ILE A 4 -4.41 1.03 3.38
CA ILE A 4 -4.54 -0.08 2.47
C ILE A 4 -3.49 0.06 1.38
N LEU A 5 -3.19 1.31 1.04
CA LEU A 5 -2.19 1.62 0.03
C LEU A 5 -0.80 1.22 0.53
N SER A 6 -0.73 0.89 1.82
CA SER A 6 0.54 0.48 2.44
C SER A 6 0.88 -0.94 2.01
N LYS A 7 0.06 -1.91 2.42
CA LYS A 7 0.27 -3.28 2.04
C LYS A 7 0.27 -3.38 0.53
N ILE A 8 -0.41 -2.41 -0.09
CA ILE A 8 -0.52 -2.33 -1.54
C ILE A 8 0.75 -1.70 -2.12
N LYS A 9 1.33 -0.76 -1.37
CA LYS A 9 2.54 -0.08 -1.80
C LYS A 9 3.58 -1.07 -2.31
N LYS A 10 3.62 -2.24 -1.68
CA LYS A 10 4.56 -3.28 -2.07
C LYS A 10 3.97 -4.21 -3.12
N LEU A 11 2.64 -4.30 -3.13
CA LEU A 11 1.94 -5.18 -4.08
C LEU A 11 1.89 -4.54 -5.47
N LEU A 12 1.16 -3.44 -5.59
CA LEU A 12 1.03 -2.74 -6.88
C LEU A 12 1.15 -1.23 -6.72
N LYS A 13 0.20 -0.62 -6.01
CA LYS A 13 0.20 0.82 -5.80
C LYS A 13 0.13 1.56 -7.12
N ILE A 1 0.73 8.67 5.18
CA ILE A 1 0.23 7.52 5.97
C ILE A 1 -0.68 6.62 5.13
N LYS A 2 -0.14 5.48 4.71
CA LYS A 2 -0.90 4.52 3.90
C LYS A 2 -1.58 3.48 4.78
N LYS A 3 -2.86 3.25 4.54
CA LYS A 3 -3.62 2.25 5.29
C LYS A 3 -3.68 0.99 4.46
N ILE A 4 -4.42 1.07 3.36
CA ILE A 4 -4.53 -0.05 2.44
C ILE A 4 -3.46 0.09 1.37
N LEU A 5 -3.14 1.34 1.04
CA LEU A 5 -2.13 1.66 0.05
C LEU A 5 -0.75 1.24 0.56
N SER A 6 -0.68 0.90 1.85
CA SER A 6 0.58 0.48 2.46
C SER A 6 0.92 -0.94 2.04
N LYS A 7 0.10 -1.90 2.48
CA LYS A 7 0.30 -3.29 2.11
C LYS A 7 0.28 -3.40 0.59
N ILE A 8 -0.38 -2.42 -0.03
CA ILE A 8 -0.49 -2.35 -1.48
C ILE A 8 0.77 -1.73 -2.08
N LYS A 9 1.35 -0.77 -1.36
CA LYS A 9 2.56 -0.09 -1.81
C LYS A 9 3.60 -1.09 -2.30
N LYS A 10 3.60 -2.28 -1.70
CA LYS A 10 4.55 -3.32 -2.07
C LYS A 10 3.98 -4.23 -3.17
N LEU A 11 2.65 -4.32 -3.21
CA LEU A 11 1.98 -5.16 -4.19
C LEU A 11 1.89 -4.48 -5.55
N LEU A 12 1.09 -3.42 -5.64
CA LEU A 12 0.92 -2.69 -6.89
C LEU A 12 1.07 -1.19 -6.70
N LYS A 13 0.12 -0.58 -5.99
CA LYS A 13 0.14 0.86 -5.74
C LYS A 13 0.05 1.63 -7.05
N ILE A 1 1.33 8.19 5.22
CA ILE A 1 0.52 7.37 6.14
C ILE A 1 -0.48 6.49 5.37
N LYS A 2 0.03 5.44 4.74
CA LYS A 2 -0.81 4.54 3.96
C LYS A 2 -1.47 3.50 4.86
N LYS A 3 -2.73 3.20 4.57
CA LYS A 3 -3.48 2.20 5.32
C LYS A 3 -3.60 0.95 4.48
N ILE A 4 -4.39 1.04 3.41
CA ILE A 4 -4.56 -0.06 2.48
C ILE A 4 -3.53 0.07 1.37
N LEU A 5 -3.21 1.32 1.04
CA LEU A 5 -2.22 1.62 0.02
C LEU A 5 -0.84 1.22 0.51
N SER A 6 -0.74 0.90 1.81
CA SER A 6 0.52 0.49 2.42
C SER A 6 0.87 -0.92 1.99
N LYS A 7 0.04 -1.88 2.42
CA LYS A 7 0.25 -3.27 2.05
C LYS A 7 0.24 -3.37 0.53
N ILE A 8 -0.43 -2.40 -0.08
CA ILE A 8 -0.53 -2.33 -1.54
C ILE A 8 0.74 -1.72 -2.14
N LYS A 9 1.31 -0.77 -1.40
CA LYS A 9 2.53 -0.09 -1.83
C LYS A 9 3.58 -1.08 -2.32
N LYS A 10 3.61 -2.25 -1.68
CA LYS A 10 4.57 -3.28 -2.04
C LYS A 10 4.00 -4.22 -3.11
N LEU A 11 2.68 -4.32 -3.16
CA LEU A 11 2.02 -5.19 -4.14
C LEU A 11 1.95 -4.53 -5.51
N LEU A 12 1.16 -3.47 -5.63
CA LEU A 12 1.01 -2.76 -6.90
C LEU A 12 1.20 -1.26 -6.74
N LYS A 13 0.23 -0.60 -6.10
CA LYS A 13 0.28 0.84 -5.89
C LYS A 13 0.33 1.58 -7.23
N ILE A 1 0.87 6.74 7.20
CA ILE A 1 0.18 7.47 6.10
C ILE A 1 -0.72 6.52 5.31
N LYS A 2 -0.12 5.49 4.72
CA LYS A 2 -0.88 4.52 3.93
C LYS A 2 -1.53 3.47 4.83
N LYS A 3 -2.80 3.20 4.57
CA LYS A 3 -3.53 2.19 5.32
C LYS A 3 -3.62 0.93 4.48
N ILE A 4 -4.39 1.00 3.40
CA ILE A 4 -4.53 -0.10 2.48
C ILE A 4 -3.47 0.05 1.39
N LEU A 5 -3.18 1.30 1.04
CA LEU A 5 -2.19 1.62 0.03
C LEU A 5 -0.80 1.23 0.53
N SER A 6 -0.71 0.90 1.82
CA SER A 6 0.56 0.50 2.42
C SER A 6 0.91 -0.91 2.00
N LYS A 7 0.08 -1.87 2.40
CA LYS A 7 0.28 -3.26 2.02
C LYS A 7 0.28 -3.35 0.51
N ILE A 8 -0.41 -2.39 -0.11
CA ILE A 8 -0.50 -2.30 -1.56
C ILE A 8 0.77 -1.70 -2.14
N LYS A 9 1.35 -0.74 -1.41
CA LYS A 9 2.57 -0.08 -1.83
C LYS A 9 3.60 -1.09 -2.31
N LYS A 10 3.61 -2.26 -1.67
CA LYS A 10 4.55 -3.32 -2.03
C LYS A 10 3.96 -4.25 -3.08
N LEU A 11 2.63 -4.32 -3.12
CA LEU A 11 1.94 -5.19 -4.09
C LEU A 11 1.89 -4.55 -5.48
N LEU A 12 1.14 -3.45 -5.61
CA LEU A 12 1.01 -2.77 -6.89
C LEU A 12 1.17 -1.25 -6.74
N LYS A 13 0.21 -0.62 -6.06
CA LYS A 13 0.23 0.83 -5.86
C LYS A 13 0.24 1.56 -7.20
N ILE A 1 0.94 6.47 7.59
CA ILE A 1 0.39 7.20 6.43
C ILE A 1 -0.50 6.30 5.58
N LYS A 2 0.09 5.30 4.95
CA LYS A 2 -0.66 4.37 4.12
C LYS A 2 -1.32 3.28 4.96
N LYS A 3 -2.60 3.04 4.72
CA LYS A 3 -3.34 2.01 5.42
C LYS A 3 -3.52 0.82 4.49
N ILE A 4 -4.36 1.00 3.48
CA ILE A 4 -4.60 -0.01 2.48
C ILE A 4 -3.61 0.17 1.34
N LEU A 5 -3.23 1.43 1.13
CA LEU A 5 -2.27 1.79 0.10
C LEU A 5 -0.88 1.33 0.51
N SER A 6 -0.76 0.92 1.77
CA SER A 6 0.51 0.44 2.32
C SER A 6 0.80 -0.96 1.80
N LYS A 7 -0.03 -1.92 2.23
CA LYS A 7 0.12 -3.29 1.77
C LYS A 7 0.13 -3.30 0.25
N ILE A 8 -0.55 -2.32 -0.32
CA ILE A 8 -0.62 -2.15 -1.76
C ILE A 8 0.67 -1.55 -2.31
N LYS A 9 1.25 -0.62 -1.54
CA LYS A 9 2.48 0.04 -1.94
C LYS A 9 3.55 -0.96 -2.35
N LYS A 10 3.58 -2.09 -1.66
CA LYS A 10 4.57 -3.14 -1.93
C LYS A 10 4.04 -4.16 -2.94
N LEU A 11 2.72 -4.36 -2.96
CA LEU A 11 2.12 -5.33 -3.87
C LEU A 11 2.06 -4.80 -5.29
N LEU A 12 1.25 -3.77 -5.51
CA LEU A 12 1.12 -3.18 -6.84
C LEU A 12 1.29 -1.67 -6.81
N LYS A 13 0.34 -0.98 -6.19
CA LYS A 13 0.40 0.48 -6.08
C LYS A 13 0.45 1.13 -7.46
N ILE A 1 1.26 6.74 6.82
CA ILE A 1 0.35 7.52 5.95
C ILE A 1 -0.56 6.61 5.14
N LYS A 2 -0.02 5.45 4.74
CA LYS A 2 -0.79 4.49 3.97
C LYS A 2 -1.42 3.42 4.85
N LYS A 3 -2.70 3.14 4.62
CA LYS A 3 -3.41 2.12 5.36
C LYS A 3 -3.54 0.88 4.50
N ILE A 4 -4.36 1.00 3.46
CA ILE A 4 -4.55 -0.07 2.50
C ILE A 4 -3.53 0.08 1.39
N LEU A 5 -3.21 1.33 1.07
CA LEU A 5 -2.24 1.66 0.04
C LEU A 5 -0.84 1.25 0.51
N SER A 6 -0.74 0.92 1.79
CA SER A 6 0.53 0.50 2.39
C SER A 6 0.87 -0.92 1.93
N LYS A 7 0.05 -1.87 2.36
CA LYS A 7 0.25 -3.26 1.97
C LYS A 7 0.23 -3.33 0.44
N ILE A 8 -0.45 -2.36 -0.16
CA ILE A 8 -0.56 -2.27 -1.61
C ILE A 8 0.72 -1.68 -2.19
N LYS A 9 1.31 -0.73 -1.47
CA LYS A 9 2.53 -0.08 -1.91
C LYS A 9 3.60 -1.11 -2.29
N LYS A 10 3.57 -2.26 -1.62
CA LYS A 10 4.53 -3.32 -1.89
C LYS A 10 4.00 -4.27 -2.95
N LEU A 11 2.68 -4.32 -3.10
CA LEU A 11 2.06 -5.19 -4.09
C LEU A 11 2.01 -4.53 -5.47
N LEU A 12 1.20 -3.49 -5.61
CA LEU A 12 1.09 -2.79 -6.88
C LEU A 12 1.18 -1.26 -6.71
N LYS A 13 0.11 -0.66 -6.18
CA LYS A 13 0.06 0.78 -6.00
C LYS A 13 0.29 1.52 -7.32
#